data_4WS8
#
_entry.id   4WS8
#
_cell.length_a   37.060
_cell.length_b   45.070
_cell.length_c   122.060
_cell.angle_alpha   90.00
_cell.angle_beta   90.00
_cell.angle_gamma   90.00
#
_symmetry.space_group_name_H-M   'P 21 21 21'
#
loop_
_entity.id
_entity.type
_entity.pdbx_description
1 polymer 'Uracil-DNA glycosylase'
2 non-polymer 2-thioxo-2,3-dihydropyrimidin-4(1H)-one
3 non-polymer 'CHLORIDE ION'
4 water water
#
_entity_poly.entity_id   1
_entity_poly.type   'polypeptide(L)'
_entity_poly.pdbx_seq_one_letter_code
;MHHHHHHGMASMTARPLSELVERGWAAALEPVADQVAHMGQFLRAEIAAGRRYLPAGSNVLRAFTFPFDNVRVLIVGQDP
YPTPGHAVGLSFSVAPDVRPWPRSLANIFDEYTADLGYPLPSNGDLTPWAQRGVLLLNRVLTVRPSNPASHRGKGWEAVT
ECAIRALAARAAPLVAILWGRDASTLKPMLAAGNCVAIESPHPSPLSASRGFFGSRPFSRANELLVGMGAEPIDWRLP
;
_entity_poly.pdbx_strand_id   A
#
loop_
_chem_comp.id
_chem_comp.type
_chem_comp.name
_chem_comp.formula
CL non-polymer 'CHLORIDE ION' 'Cl -1'
TUL non-polymer 2-thioxo-2,3-dihydropyrimidin-4(1H)-one 'C4 H4 N2 O S'
#
# COMPACT_ATOMS: atom_id res chain seq x y z
N HIS A 7 15.41 8.99 -8.37
CA HIS A 7 14.22 9.64 -9.01
C HIS A 7 13.17 10.07 -7.96
N GLY A 8 13.12 11.37 -7.69
CA GLY A 8 12.16 11.99 -6.78
C GLY A 8 11.07 12.80 -7.47
N MET A 9 10.60 13.87 -6.83
CA MET A 9 9.52 14.67 -7.44
C MET A 9 9.91 15.29 -8.77
N ALA A 10 11.17 15.67 -8.96
CA ALA A 10 11.61 16.21 -10.25
C ALA A 10 11.28 15.22 -11.35
N SER A 11 11.62 13.96 -11.15
CA SER A 11 11.39 12.95 -12.18
C SER A 11 9.90 12.63 -12.28
N MET A 12 9.20 12.63 -11.17
CA MET A 12 7.77 12.35 -11.19
C MET A 12 7.03 13.40 -12.05
N THR A 13 7.47 14.65 -11.96
CA THR A 13 6.85 15.74 -12.72
C THR A 13 7.20 15.73 -14.19
N ALA A 14 8.42 15.26 -14.49
CA ALA A 14 9.04 15.51 -15.79
C ALA A 14 9.21 14.27 -16.70
N ARG A 15 9.25 13.06 -16.13
CA ARG A 15 9.65 11.88 -16.90
C ARG A 15 8.54 10.84 -17.07
N PRO A 16 8.63 10.03 -18.15
CA PRO A 16 7.59 9.01 -18.38
C PRO A 16 7.59 7.93 -17.29
N LEU A 17 6.43 7.33 -17.08
CA LEU A 17 6.26 6.28 -16.10
C LEU A 17 7.24 5.15 -16.22
N SER A 18 7.62 4.82 -17.46
CA SER A 18 8.57 3.74 -17.70
C SER A 18 9.93 3.99 -17.05
N GLU A 19 10.22 5.26 -16.76
CA GLU A 19 11.43 5.58 -16.05
C GLU A 19 11.29 5.61 -14.53
N LEU A 20 10.05 5.53 -14.03
CA LEU A 20 9.76 5.69 -12.59
C LEU A 20 9.36 4.42 -11.88
N VAL A 21 8.71 3.53 -12.60
CA VAL A 21 8.14 2.33 -11.97
C VAL A 21 8.46 1.10 -12.82
N GLU A 22 8.16 -0.08 -12.27
CA GLU A 22 8.38 -1.33 -13.01
C GLU A 22 7.56 -1.36 -14.30
N ARG A 23 8.08 -2.07 -15.31
CA ARG A 23 7.53 -1.99 -16.67
C ARG A 23 6.03 -2.33 -16.75
N GLY A 24 5.62 -3.41 -16.10
CA GLY A 24 4.21 -3.77 -16.04
C GLY A 24 3.36 -2.68 -15.42
N TRP A 25 3.82 -2.17 -14.28
CA TRP A 25 3.13 -1.06 -13.64
C TRP A 25 3.05 0.18 -14.52
N ALA A 26 4.12 0.46 -15.27
CA ALA A 26 4.10 1.65 -16.15
C ALA A 26 3.00 1.57 -17.19
N ALA A 27 2.81 0.37 -17.74
CA ALA A 27 1.71 0.14 -18.66
C ALA A 27 0.35 0.21 -17.96
N ALA A 28 0.24 -0.41 -16.77
CA ALA A 28 -1.02 -0.42 -16.06
C ALA A 28 -1.46 0.99 -15.67
N LEU A 29 -0.50 1.87 -15.40
CA LEU A 29 -0.76 3.22 -14.95
C LEU A 29 -0.80 4.24 -16.09
N GLU A 30 -0.61 3.78 -17.32
CA GLU A 30 -0.62 4.73 -18.43
C GLU A 30 -1.88 5.65 -18.44
N PRO A 31 -3.08 5.11 -18.12
CA PRO A 31 -4.28 5.97 -18.12
C PRO A 31 -4.21 7.16 -17.14
N VAL A 32 -3.32 7.06 -16.15
CA VAL A 32 -3.13 8.18 -15.19
C VAL A 32 -1.74 8.82 -15.29
N ALA A 33 -1.08 8.68 -16.45
CA ALA A 33 0.25 9.26 -16.63
C ALA A 33 0.25 10.76 -16.36
N ASP A 34 -0.72 11.46 -16.93
CA ASP A 34 -0.82 12.92 -16.72
C ASP A 34 -1.05 13.24 -15.26
N GLN A 35 -1.84 12.40 -14.60
N GLN A 35 -1.84 12.40 -14.60
CA GLN A 35 -2.17 12.63 -13.21
CA GLN A 35 -2.16 12.61 -13.19
C GLN A 35 -0.94 12.48 -12.31
C GLN A 35 -0.92 12.48 -12.31
N VAL A 36 -0.08 11.50 -12.62
CA VAL A 36 1.17 11.30 -11.89
C VAL A 36 2.06 12.53 -12.06
N ALA A 37 2.18 13.01 -13.30
CA ALA A 37 2.96 14.23 -13.55
C ALA A 37 2.42 15.42 -12.76
N HIS A 38 1.10 15.57 -12.73
CA HIS A 38 0.45 16.62 -11.95
CA HIS A 38 0.46 16.63 -11.96
C HIS A 38 0.76 16.47 -10.47
N MET A 39 0.81 15.23 -9.97
CA MET A 39 1.19 15.05 -8.59
C MET A 39 2.63 15.48 -8.33
N GLY A 40 3.54 15.21 -9.26
CA GLY A 40 4.91 15.74 -9.14
C GLY A 40 4.92 17.25 -9.03
N GLN A 41 4.12 17.93 -9.85
N GLN A 41 4.10 17.88 -9.87
CA GLN A 41 4.02 19.40 -9.77
CA GLN A 41 3.94 19.32 -9.89
C GLN A 41 3.39 19.86 -8.46
C GLN A 41 3.39 19.82 -8.54
N PHE A 42 2.39 19.12 -7.98
CA PHE A 42 1.83 19.44 -6.66
C PHE A 42 2.93 19.42 -5.58
N LEU A 43 3.77 18.38 -5.61
CA LEU A 43 4.82 18.25 -4.61
C LEU A 43 5.84 19.39 -4.77
N ARG A 44 6.21 19.72 -6.01
N ARG A 44 6.18 19.69 -6.03
CA ARG A 44 7.13 20.84 -6.21
CA ARG A 44 7.06 20.82 -6.34
C ARG A 44 6.51 22.14 -5.69
C ARG A 44 6.50 22.10 -5.72
N ALA A 45 5.20 22.32 -5.86
CA ALA A 45 4.55 23.53 -5.31
C ALA A 45 4.57 23.58 -3.78
N GLU A 46 4.40 22.43 -3.16
CA GLU A 46 4.46 22.34 -1.72
C GLU A 46 5.85 22.81 -1.22
N ILE A 47 6.89 22.26 -1.83
CA ILE A 47 8.25 22.58 -1.44
C ILE A 47 8.53 24.06 -1.71
N ALA A 48 8.10 24.58 -2.86
CA ALA A 48 8.30 26.02 -3.14
C ALA A 48 7.60 26.94 -2.09
N ALA A 49 6.51 26.45 -1.53
CA ALA A 49 5.77 27.16 -0.47
C ALA A 49 6.36 26.97 0.94
N GLY A 50 7.47 26.24 1.04
CA GLY A 50 8.12 26.01 2.32
C GLY A 50 7.45 24.92 3.15
N ARG A 51 6.72 24.00 2.50
CA ARG A 51 6.13 22.84 3.16
C ARG A 51 6.85 21.58 2.75
N ARG A 52 6.92 20.63 3.66
CA ARG A 52 7.50 19.34 3.38
C ARG A 52 6.40 18.33 3.08
N TYR A 53 6.83 17.17 2.62
CA TYR A 53 5.93 16.05 2.49
C TYR A 53 6.70 14.77 2.83
N LEU A 54 5.93 13.73 3.13
CA LEU A 54 6.40 12.40 3.43
C LEU A 54 5.66 11.40 2.53
N PRO A 55 6.29 10.28 2.15
CA PRO A 55 7.66 9.88 2.40
C PRO A 55 8.62 10.66 1.50
N ALA A 56 9.89 10.29 1.53
CA ALA A 56 10.87 10.87 0.62
C ALA A 56 10.38 10.71 -0.85
N GLY A 57 10.71 11.70 -1.67
CA GLY A 57 10.33 11.68 -3.08
C GLY A 57 10.66 10.35 -3.76
N SER A 58 11.86 9.83 -3.50
CA SER A 58 12.31 8.58 -4.11
C SER A 58 11.50 7.36 -3.67
N ASN A 59 10.70 7.51 -2.62
CA ASN A 59 9.89 6.42 -2.08
C ASN A 59 8.41 6.51 -2.41
N VAL A 60 7.97 7.64 -2.95
CA VAL A 60 6.54 7.85 -3.13
C VAL A 60 5.86 6.74 -3.94
N LEU A 61 6.48 6.37 -5.06
CA LEU A 61 5.96 5.34 -5.92
C LEU A 61 6.53 3.95 -5.68
N ARG A 62 7.14 3.74 -4.52
CA ARG A 62 7.88 2.51 -4.28
C ARG A 62 7.07 1.23 -4.45
N ALA A 63 5.79 1.28 -4.10
CA ALA A 63 4.95 0.08 -4.23
C ALA A 63 4.88 -0.41 -5.67
N PHE A 64 5.09 0.48 -6.63
CA PHE A 64 4.99 0.16 -8.03
C PHE A 64 6.35 -0.21 -8.64
N THR A 65 7.36 -0.41 -7.80
CA THR A 65 8.68 -0.82 -8.27
C THR A 65 8.92 -2.33 -8.18
N PHE A 66 7.91 -3.04 -7.68
CA PHE A 66 7.88 -4.50 -7.65
C PHE A 66 6.95 -4.96 -8.75
N PRO A 67 7.22 -6.12 -9.34
CA PRO A 67 6.46 -6.46 -10.54
C PRO A 67 4.95 -6.60 -10.44
N PHE A 68 4.26 -5.86 -11.29
CA PHE A 68 2.81 -5.92 -11.40
C PHE A 68 2.31 -7.34 -11.60
N ASP A 69 2.98 -8.08 -12.47
CA ASP A 69 2.54 -9.47 -12.80
C ASP A 69 2.57 -10.42 -11.62
N ASN A 70 3.39 -10.14 -10.60
CA ASN A 70 3.57 -11.03 -9.47
C ASN A 70 2.63 -10.72 -8.31
N VAL A 71 1.84 -9.65 -8.40
CA VAL A 71 1.01 -9.26 -7.27
C VAL A 71 -0.12 -10.26 -7.12
N ARG A 72 -0.22 -10.82 -5.91
CA ARG A 72 -1.27 -11.79 -5.55
C ARG A 72 -2.10 -11.34 -4.34
N VAL A 73 -1.55 -10.44 -3.52
CA VAL A 73 -2.29 -9.89 -2.36
C VAL A 73 -2.16 -8.39 -2.35
N LEU A 74 -3.29 -7.73 -2.13
CA LEU A 74 -3.34 -6.29 -1.95
C LEU A 74 -3.65 -5.96 -0.50
N ILE A 75 -2.80 -5.17 0.14
CA ILE A 75 -3.08 -4.66 1.47
C ILE A 75 -3.16 -3.15 1.32
N VAL A 76 -4.37 -2.62 1.51
N VAL A 76 -4.34 -2.60 1.50
CA VAL A 76 -4.65 -1.20 1.31
CA VAL A 76 -4.50 -1.20 1.26
C VAL A 76 -4.49 -0.40 2.61
C VAL A 76 -4.49 -0.41 2.56
N GLY A 77 -3.84 0.74 2.49
CA GLY A 77 -3.82 1.73 3.55
C GLY A 77 -4.43 3.02 3.05
N GLN A 78 -4.61 3.95 3.96
CA GLN A 78 -5.25 5.22 3.67
C GLN A 78 -4.25 6.25 3.21
N ASP A 79 -3.32 6.57 4.09
N ASP A 79 -3.30 6.62 4.05
CA ASP A 79 -2.36 7.65 3.93
CA ASP A 79 -2.25 7.54 3.64
C ASP A 79 -1.01 7.19 4.55
C ASP A 79 -1.04 7.29 4.53
N PRO A 80 0.12 7.81 4.15
CA PRO A 80 1.35 7.43 4.82
C PRO A 80 1.41 7.86 6.29
N TYR A 81 2.27 7.19 7.04
CA TYR A 81 2.52 7.63 8.40
C TYR A 81 2.86 9.12 8.42
N PRO A 82 2.22 9.90 9.32
CA PRO A 82 2.54 11.32 9.41
C PRO A 82 3.76 11.72 10.24
N THR A 83 4.30 10.81 11.03
CA THR A 83 5.45 11.13 11.85
C THR A 83 6.71 11.10 10.98
N PRO A 84 7.50 12.19 10.96
CA PRO A 84 8.70 12.18 10.15
C PRO A 84 9.61 11.00 10.44
N GLY A 85 10.07 10.33 9.39
CA GLY A 85 10.97 9.21 9.53
C GLY A 85 10.30 7.85 9.60
N HIS A 86 8.98 7.81 9.58
CA HIS A 86 8.29 6.51 9.55
C HIS A 86 7.95 6.03 8.13
N ALA A 87 7.28 6.87 7.35
CA ALA A 87 6.80 6.43 6.01
C ALA A 87 7.95 6.16 5.06
N VAL A 88 7.88 5.04 4.34
CA VAL A 88 8.89 4.61 3.39
C VAL A 88 8.34 4.17 2.03
N GLY A 89 7.08 4.51 1.77
CA GLY A 89 6.52 4.24 0.45
C GLY A 89 5.89 2.88 0.24
N LEU A 90 5.86 2.04 1.27
CA LEU A 90 5.07 0.82 1.33
C LEU A 90 4.11 0.98 2.51
N SER A 91 2.83 0.74 2.29
CA SER A 91 1.82 0.87 3.37
C SER A 91 2.30 0.06 4.59
N PHE A 92 2.20 0.71 5.74
CA PHE A 92 2.47 0.18 7.10
C PHE A 92 3.93 -0.08 7.45
N SER A 93 4.80 -0.18 6.45
CA SER A 93 6.21 -0.48 6.65
C SER A 93 6.97 0.67 7.30
N VAL A 94 8.04 0.34 8.02
CA VAL A 94 9.01 1.38 8.48
C VAL A 94 10.46 0.94 8.19
N ALA A 95 11.41 1.89 8.25
CA ALA A 95 12.83 1.52 8.14
C ALA A 95 13.28 0.58 9.27
N PRO A 96 14.28 -0.30 9.03
CA PRO A 96 14.66 -1.34 10.02
C PRO A 96 15.09 -0.91 11.40
N ASP A 97 15.62 0.30 11.55
CA ASP A 97 16.03 0.73 12.87
C ASP A 97 14.98 1.53 13.66
N VAL A 98 13.78 1.72 13.10
CA VAL A 98 12.73 2.41 13.81
C VAL A 98 12.27 1.62 15.05
N ARG A 99 12.23 2.29 16.19
N ARG A 99 12.23 2.31 16.19
CA ARG A 99 11.72 1.69 17.42
CA ARG A 99 11.74 1.72 17.44
C ARG A 99 11.18 2.77 18.36
C ARG A 99 11.16 2.81 18.33
N PRO A 100 10.01 2.55 18.97
CA PRO A 100 9.15 1.39 18.80
C PRO A 100 8.49 1.47 17.42
N TRP A 101 7.96 0.36 16.96
CA TRP A 101 7.14 0.36 15.75
C TRP A 101 5.92 1.23 15.98
N PRO A 102 5.42 1.90 14.92
CA PRO A 102 4.12 2.55 15.04
C PRO A 102 3.10 1.52 15.58
N ARG A 103 2.13 1.99 16.38
CA ARG A 103 1.20 1.07 17.00
C ARG A 103 0.41 0.24 15.99
N SER A 104 0.06 0.80 14.83
CA SER A 104 -0.63 0.02 13.80
C SER A 104 0.20 -1.18 13.37
N LEU A 105 1.49 -0.96 13.17
CA LEU A 105 2.39 -2.01 12.72
C LEU A 105 2.62 -3.04 13.86
N ALA A 106 2.77 -2.56 15.10
CA ALA A 106 2.87 -3.46 16.24
C ALA A 106 1.66 -4.40 16.30
N ASN A 107 0.47 -3.85 16.03
CA ASN A 107 -0.76 -4.68 16.00
C ASN A 107 -0.76 -5.66 14.86
N ILE A 108 -0.35 -5.22 13.69
CA ILE A 108 -0.20 -6.15 12.55
C ILE A 108 0.73 -7.32 12.92
N PHE A 109 1.85 -7.01 13.55
CA PHE A 109 2.81 -8.03 13.91
C PHE A 109 2.29 -8.94 15.03
N ASP A 110 1.52 -8.39 15.95
CA ASP A 110 0.88 -9.22 16.98
C ASP A 110 0.05 -10.31 16.30
N GLU A 111 -0.77 -9.87 15.35
CA GLU A 111 -1.64 -10.82 14.63
C GLU A 111 -0.83 -11.78 13.74
N TYR A 112 0.23 -11.29 13.11
CA TYR A 112 1.15 -12.14 12.35
C TYR A 112 1.63 -13.30 13.21
N THR A 113 2.10 -13.00 14.42
N THR A 113 2.10 -12.99 14.43
CA THR A 113 2.61 -14.09 15.27
CA THR A 113 2.57 -14.03 15.38
C THR A 113 1.45 -14.98 15.76
C THR A 113 1.44 -14.97 15.75
N ALA A 114 0.30 -14.40 16.11
CA ALA A 114 -0.86 -15.20 16.54
C ALA A 114 -1.41 -16.13 15.45
N ASP A 115 -1.42 -15.64 14.23
CA ASP A 115 -1.95 -16.35 13.10
C ASP A 115 -1.00 -17.43 12.60
N LEU A 116 0.22 -17.04 12.30
CA LEU A 116 1.17 -17.89 11.64
C LEU A 116 2.09 -18.67 12.58
N GLY A 117 2.24 -18.18 13.81
CA GLY A 117 3.07 -18.85 14.80
C GLY A 117 4.55 -18.57 14.68
N TYR A 118 4.93 -17.65 13.80
CA TYR A 118 6.31 -17.23 13.68
C TYR A 118 6.67 -16.23 14.77
N PRO A 119 7.97 -16.16 15.10
CA PRO A 119 8.40 -15.18 16.07
C PRO A 119 8.14 -13.77 15.60
N LEU A 120 7.98 -12.85 16.55
CA LEU A 120 7.88 -11.43 16.19
C LEU A 120 9.02 -11.04 15.27
N PRO A 121 8.71 -10.26 14.22
CA PRO A 121 9.79 -9.76 13.38
C PRO A 121 10.83 -8.96 14.15
N SER A 122 12.05 -9.02 13.63
CA SER A 122 13.22 -8.29 14.16
C SER A 122 13.11 -6.81 13.93
N ASN A 123 12.43 -6.45 12.86
CA ASN A 123 12.24 -5.05 12.54
C ASN A 123 10.98 -4.84 11.72
N GLY A 124 10.70 -3.59 11.43
CA GLY A 124 9.44 -3.22 10.76
C GLY A 124 9.46 -3.10 9.25
N ASP A 125 10.50 -3.60 8.59
CA ASP A 125 10.70 -3.47 7.18
C ASP A 125 9.90 -4.57 6.44
N LEU A 126 8.85 -4.15 5.73
CA LEU A 126 7.99 -5.07 4.99
C LEU A 126 8.42 -5.30 3.56
N THR A 127 9.61 -4.83 3.19
CA THR A 127 10.09 -5.07 1.83
C THR A 127 9.99 -6.55 1.39
N PRO A 128 10.30 -7.52 2.25
CA PRO A 128 10.16 -8.90 1.79
C PRO A 128 8.77 -9.27 1.28
N TRP A 129 7.72 -8.74 1.92
CA TRP A 129 6.39 -8.96 1.43
C TRP A 129 6.20 -8.40 0.04
N ALA A 130 6.71 -7.19 -0.20
CA ALA A 130 6.62 -6.56 -1.52
C ALA A 130 7.33 -7.39 -2.56
N GLN A 131 8.49 -7.92 -2.19
CA GLN A 131 9.26 -8.77 -3.09
C GLN A 131 8.55 -10.10 -3.44
N ARG A 132 7.60 -10.49 -2.60
CA ARG A 132 6.91 -11.75 -2.72
C ARG A 132 5.48 -11.64 -3.24
N GLY A 133 5.08 -10.48 -3.73
CA GLY A 133 3.81 -10.35 -4.38
C GLY A 133 2.71 -9.71 -3.56
N VAL A 134 3.07 -9.04 -2.48
CA VAL A 134 2.10 -8.30 -1.69
C VAL A 134 2.22 -6.84 -2.08
N LEU A 135 1.12 -6.23 -2.48
CA LEU A 135 1.10 -4.83 -2.87
C LEU A 135 0.67 -4.03 -1.65
N LEU A 136 1.59 -3.23 -1.12
CA LEU A 136 1.37 -2.47 0.11
C LEU A 136 1.07 -1.04 -0.32
N LEU A 137 -0.18 -0.82 -0.70
CA LEU A 137 -0.58 0.40 -1.41
C LEU A 137 -1.44 1.31 -0.54
N ASN A 138 -0.97 2.52 -0.26
CA ASN A 138 -1.82 3.53 0.34
C ASN A 138 -2.63 4.19 -0.77
N ARG A 139 -3.86 4.57 -0.43
CA ARG A 139 -4.73 5.23 -1.40
C ARG A 139 -4.21 6.64 -1.77
N VAL A 140 -3.60 7.27 -0.78
CA VAL A 140 -3.00 8.59 -0.92
C VAL A 140 -1.51 8.38 -0.60
N LEU A 141 -0.64 8.84 -1.49
CA LEU A 141 0.77 8.42 -1.44
C LEU A 141 1.73 9.41 -0.78
N THR A 142 1.21 10.58 -0.38
CA THR A 142 2.00 11.55 0.36
C THR A 142 1.15 12.18 1.47
N VAL A 143 1.82 12.87 2.41
CA VAL A 143 1.17 13.52 3.52
C VAL A 143 2.08 14.65 3.99
N ARG A 144 1.50 15.73 4.51
CA ARG A 144 2.32 16.78 5.14
CA ARG A 144 2.32 16.78 5.14
C ARG A 144 2.69 16.30 6.55
N PRO A 145 3.98 16.45 6.96
CA PRO A 145 4.36 15.97 8.30
C PRO A 145 3.40 16.40 9.41
N SER A 146 3.08 15.42 10.25
CA SER A 146 2.30 15.64 11.46
C SER A 146 0.85 16.06 11.23
N ASN A 147 0.38 15.95 9.98
CA ASN A 147 -0.97 16.33 9.61
C ASN A 147 -1.64 15.15 8.88
N PRO A 148 -2.18 14.20 9.65
CA PRO A 148 -2.76 13.04 9.07
C PRO A 148 -3.80 13.38 8.00
N ALA A 149 -3.68 12.67 6.89
CA ALA A 149 -4.63 12.76 5.80
C ALA A 149 -4.64 14.11 5.07
N SER A 150 -3.59 14.89 5.25
CA SER A 150 -3.55 16.24 4.72
C SER A 150 -3.45 16.35 3.20
N HIS A 151 -3.10 15.27 2.50
CA HIS A 151 -3.06 15.31 1.05
C HIS A 151 -4.24 14.55 0.44
N ARG A 152 -5.24 14.21 1.24
CA ARG A 152 -6.50 13.70 0.71
C ARG A 152 -7.06 14.68 -0.29
N GLY A 153 -7.61 14.16 -1.37
CA GLY A 153 -8.28 14.99 -2.39
C GLY A 153 -7.37 15.83 -3.27
N LYS A 154 -6.07 15.52 -3.28
CA LYS A 154 -5.12 16.30 -4.08
C LYS A 154 -4.80 15.64 -5.40
N GLY A 155 -5.40 14.47 -5.65
CA GLY A 155 -5.17 13.75 -6.92
C GLY A 155 -4.61 12.34 -6.84
N TRP A 156 -4.11 11.89 -5.70
CA TRP A 156 -3.55 10.54 -5.63
C TRP A 156 -4.59 9.42 -5.80
N GLU A 157 -5.82 9.67 -5.34
CA GLU A 157 -6.86 8.64 -5.34
C GLU A 157 -7.08 8.09 -6.75
N ALA A 158 -7.03 8.96 -7.75
CA ALA A 158 -7.21 8.50 -9.13
C ALA A 158 -6.06 7.61 -9.55
N VAL A 159 -4.86 7.93 -9.11
CA VAL A 159 -3.70 7.09 -9.44
C VAL A 159 -3.82 5.68 -8.84
N THR A 160 -4.12 5.64 -7.55
CA THR A 160 -4.18 4.37 -6.84
C THR A 160 -5.41 3.56 -7.23
N GLU A 161 -6.51 4.26 -7.54
CA GLU A 161 -7.69 3.53 -8.05
C GLU A 161 -7.38 2.88 -9.39
N CYS A 162 -6.68 3.59 -10.25
CA CYS A 162 -6.24 3.03 -11.53
C CYS A 162 -5.42 1.76 -11.31
N ALA A 163 -4.49 1.82 -10.36
CA ALA A 163 -3.66 0.66 -10.04
C ALA A 163 -4.49 -0.54 -9.60
N ILE A 164 -5.43 -0.30 -8.69
CA ILE A 164 -6.22 -1.40 -8.16
C ILE A 164 -7.14 -1.97 -9.26
N ARG A 165 -7.71 -1.10 -10.08
CA ARG A 165 -8.57 -1.54 -11.19
C ARG A 165 -7.79 -2.44 -12.15
N ALA A 166 -6.55 -2.05 -12.45
CA ALA A 166 -5.73 -2.85 -13.36
C ALA A 166 -5.48 -4.22 -12.79
N LEU A 167 -5.23 -4.29 -11.48
CA LEU A 167 -5.04 -5.59 -10.82
C LEU A 167 -6.31 -6.45 -10.86
N ALA A 168 -7.44 -5.81 -10.56
CA ALA A 168 -8.67 -6.51 -10.42
C ALA A 168 -9.14 -7.05 -11.74
N ALA A 169 -8.82 -6.32 -12.80
CA ALA A 169 -9.30 -6.65 -14.14
C ALA A 169 -8.63 -7.91 -14.72
N ARG A 170 -7.47 -8.26 -14.20
CA ARG A 170 -6.70 -9.44 -14.62
CA ARG A 170 -6.73 -9.45 -14.62
C ARG A 170 -7.52 -10.68 -14.23
N ALA A 171 -7.33 -11.77 -14.96
CA ALA A 171 -7.96 -13.01 -14.54
C ALA A 171 -7.18 -13.71 -13.41
N ALA A 172 -5.93 -13.33 -13.25
CA ALA A 172 -5.07 -13.86 -12.20
C ALA A 172 -5.74 -13.67 -10.84
N PRO A 173 -5.56 -14.64 -9.95
CA PRO A 173 -6.11 -14.50 -8.59
C PRO A 173 -5.60 -13.25 -7.84
N LEU A 174 -6.50 -12.62 -7.09
CA LEU A 174 -6.11 -11.54 -6.22
C LEU A 174 -6.91 -11.69 -4.93
N VAL A 175 -6.20 -11.65 -3.79
CA VAL A 175 -6.81 -11.48 -2.46
C VAL A 175 -6.57 -10.07 -1.98
N ALA A 176 -7.66 -9.39 -1.60
CA ALA A 176 -7.58 -8.04 -1.05
C ALA A 176 -7.87 -8.08 0.41
N ILE A 177 -6.93 -7.60 1.20
CA ILE A 177 -7.11 -7.49 2.65
C ILE A 177 -7.55 -6.07 2.90
N LEU A 178 -8.78 -5.90 3.37
CA LEU A 178 -9.44 -4.63 3.48
C LEU A 178 -9.67 -4.32 4.95
N TRP A 179 -8.83 -3.45 5.46
CA TRP A 179 -8.81 -3.04 6.84
C TRP A 179 -9.52 -1.71 7.02
N GLY A 180 -10.67 -1.74 7.68
CA GLY A 180 -11.44 -0.55 7.97
C GLY A 180 -12.39 -0.12 6.89
N ARG A 181 -13.19 0.90 7.21
CA ARG A 181 -14.33 1.27 6.36
C ARG A 181 -13.91 1.86 5.00
N ASP A 182 -12.85 2.67 4.99
CA ASP A 182 -12.38 3.30 3.75
C ASP A 182 -11.96 2.23 2.73
N ALA A 183 -11.28 1.18 3.21
CA ALA A 183 -10.82 0.10 2.35
C ALA A 183 -12.00 -0.69 1.77
N SER A 184 -13.07 -0.83 2.53
N SER A 184 -13.07 -0.82 2.57
CA SER A 184 -14.18 -1.62 2.08
CA SER A 184 -14.30 -1.50 2.17
C SER A 184 -14.90 -0.95 0.88
C SER A 184 -14.88 -0.95 0.87
N THR A 185 -14.60 0.33 0.59
CA THR A 185 -15.09 0.98 -0.65
C THR A 185 -14.56 0.42 -1.97
N LEU A 186 -13.49 -0.34 -1.92
CA LEU A 186 -12.95 -1.03 -3.09
C LEU A 186 -13.74 -2.25 -3.55
N LYS A 187 -14.71 -2.71 -2.77
N LYS A 187 -14.71 -2.66 -2.73
CA LYS A 187 -15.35 -3.98 -3.12
CA LYS A 187 -15.44 -3.88 -3.01
C LYS A 187 -16.07 -4.02 -4.50
C LYS A 187 -15.97 -3.95 -4.47
N PRO A 188 -16.69 -2.92 -4.96
CA PRO A 188 -17.24 -3.03 -6.35
C PRO A 188 -16.22 -3.43 -7.45
N MET A 189 -15.04 -2.81 -7.49
CA MET A 189 -13.96 -3.25 -8.45
C MET A 189 -13.51 -4.69 -8.25
N LEU A 190 -13.27 -5.03 -7.02
CA LEU A 190 -12.86 -6.35 -6.66
C LEU A 190 -13.89 -7.43 -7.05
N ALA A 191 -15.17 -7.15 -6.80
CA ALA A 191 -16.24 -8.09 -7.12
C ALA A 191 -16.30 -8.39 -8.62
N ALA A 192 -16.25 -7.35 -9.43
CA ALA A 192 -16.39 -7.53 -10.83
C ALA A 192 -15.16 -8.23 -11.42
N GLY A 193 -14.01 -8.12 -10.73
CA GLY A 193 -12.81 -8.78 -11.16
C GLY A 193 -12.64 -10.18 -10.63
N ASN A 194 -13.65 -10.68 -9.94
CA ASN A 194 -13.61 -12.03 -9.46
C ASN A 194 -12.42 -12.22 -8.49
N CYS A 195 -12.11 -11.18 -7.71
N CYS A 195 -12.16 -11.15 -7.73
CA CYS A 195 -11.12 -11.25 -6.66
CA CYS A 195 -11.25 -11.07 -6.58
C CYS A 195 -11.87 -11.70 -5.39
C CYS A 195 -12.01 -11.44 -5.30
N VAL A 196 -11.14 -11.92 -4.30
N VAL A 196 -11.26 -11.91 -4.31
CA VAL A 196 -11.76 -12.19 -3.01
CA VAL A 196 -11.85 -12.17 -3.01
C VAL A 196 -11.23 -11.18 -1.99
C VAL A 196 -11.25 -11.20 -2.00
N ALA A 197 -12.10 -10.71 -1.11
CA ALA A 197 -11.68 -9.82 -0.05
C ALA A 197 -11.77 -10.46 1.33
N ILE A 198 -10.80 -10.14 2.18
CA ILE A 198 -10.84 -10.38 3.61
C ILE A 198 -11.08 -9.03 4.26
N GLU A 199 -12.16 -8.87 5.00
CA GLU A 199 -12.50 -7.60 5.63
C GLU A 199 -12.42 -7.73 7.15
N SER A 200 -11.89 -6.70 7.79
CA SER A 200 -11.89 -6.61 9.25
C SER A 200 -11.72 -5.19 9.66
N PRO A 201 -11.98 -4.90 10.96
CA PRO A 201 -11.50 -3.64 11.48
C PRO A 201 -10.02 -3.40 11.23
N HIS A 202 -9.64 -2.13 11.21
CA HIS A 202 -8.28 -1.73 10.92
C HIS A 202 -7.35 -1.99 12.11
N PRO A 203 -6.05 -2.29 11.84
CA PRO A 203 -5.10 -2.51 12.93
C PRO A 203 -4.69 -1.30 13.75
N SER A 204 -5.15 -0.10 13.41
CA SER A 204 -4.92 1.08 14.25
C SER A 204 -5.37 0.77 15.70
N PRO A 205 -4.65 1.29 16.71
CA PRO A 205 -5.13 1.04 18.07
C PRO A 205 -6.56 1.55 18.32
N LEU A 206 -7.03 2.47 17.48
CA LEU A 206 -8.40 2.96 17.60
C LEU A 206 -9.47 1.87 17.35
N SER A 207 -9.11 0.87 16.54
CA SER A 207 -10.07 -0.13 16.07
C SER A 207 -9.66 -1.58 16.25
N ALA A 208 -8.38 -1.84 16.50
CA ALA A 208 -7.85 -3.20 16.33
C ALA A 208 -8.52 -4.19 17.25
N SER A 209 -8.82 -3.76 18.47
CA SER A 209 -9.41 -4.67 19.44
C SER A 209 -10.92 -4.84 19.30
N ARG A 210 -11.51 -4.30 18.23
CA ARG A 210 -12.91 -4.53 17.84
C ARG A 210 -13.02 -5.58 16.71
N GLY A 211 -11.93 -6.27 16.38
CA GLY A 211 -12.03 -7.37 15.41
C GLY A 211 -10.87 -7.58 14.49
N PHE A 212 -9.87 -6.71 14.55
CA PHE A 212 -8.65 -6.99 13.80
C PHE A 212 -7.91 -8.20 14.42
N PHE A 213 -7.74 -8.17 15.74
CA PHE A 213 -7.08 -9.30 16.39
C PHE A 213 -8.02 -10.51 16.29
N GLY A 214 -7.45 -11.64 15.90
CA GLY A 214 -8.18 -12.86 15.65
C GLY A 214 -8.65 -13.04 14.23
N SER A 215 -8.42 -12.03 13.36
CA SER A 215 -8.91 -12.11 12.00
C SER A 215 -8.09 -13.04 11.09
N ARG A 216 -6.85 -13.35 11.46
CA ARG A 216 -6.02 -14.33 10.75
C ARG A 216 -5.93 -14.07 9.25
N PRO A 217 -5.59 -12.82 8.88
CA PRO A 217 -5.67 -12.50 7.45
C PRO A 217 -4.57 -13.19 6.62
N PHE A 218 -3.43 -13.53 7.24
CA PHE A 218 -2.30 -14.05 6.49
C PHE A 218 -2.55 -15.50 6.07
N SER A 219 -2.96 -16.33 7.02
CA SER A 219 -3.29 -17.71 6.72
C SER A 219 -4.54 -17.78 5.81
N ARG A 220 -5.54 -16.93 6.07
CA ARG A 220 -6.74 -16.94 5.23
C ARG A 220 -6.39 -16.55 3.79
N ALA A 221 -5.55 -15.53 3.62
CA ALA A 221 -5.15 -15.13 2.26
C ALA A 221 -4.49 -16.28 1.52
N ASN A 222 -3.61 -17.00 2.22
CA ASN A 222 -2.95 -18.14 1.58
C ASN A 222 -3.91 -19.29 1.24
N GLU A 223 -4.89 -19.56 2.11
CA GLU A 223 -5.90 -20.58 1.84
C GLU A 223 -6.66 -20.20 0.59
N LEU A 224 -7.04 -18.92 0.49
CA LEU A 224 -7.77 -18.43 -0.70
C LEU A 224 -6.90 -18.55 -1.96
N LEU A 225 -5.63 -18.16 -1.86
CA LEU A 225 -4.72 -18.23 -3.00
C LEU A 225 -4.56 -19.65 -3.49
N VAL A 226 -4.26 -20.58 -2.58
CA VAL A 226 -4.09 -21.97 -2.96
C VAL A 226 -5.39 -22.49 -3.59
N GLY A 227 -6.52 -22.13 -3.03
CA GLY A 227 -7.81 -22.57 -3.61
C GLY A 227 -8.04 -22.09 -5.03
N MET A 228 -7.51 -20.90 -5.32
CA MET A 228 -7.58 -20.29 -6.64
C MET A 228 -6.48 -20.76 -7.62
N GLY A 229 -5.61 -21.65 -7.17
CA GLY A 229 -4.51 -22.17 -7.95
C GLY A 229 -3.27 -21.31 -7.97
N ALA A 230 -3.21 -20.31 -7.10
CA ALA A 230 -2.02 -19.48 -7.01
C ALA A 230 -1.08 -19.97 -5.92
N GLU A 231 0.14 -19.51 -6.02
CA GLU A 231 1.20 -19.68 -5.05
C GLU A 231 0.85 -18.87 -3.81
N PRO A 232 0.95 -19.48 -2.62
CA PRO A 232 0.72 -18.64 -1.43
C PRO A 232 1.89 -17.69 -1.20
N ILE A 233 1.66 -16.74 -0.34
CA ILE A 233 2.73 -15.83 0.08
C ILE A 233 3.57 -16.45 1.16
N ASP A 234 4.90 -16.39 1.02
CA ASP A 234 5.80 -16.64 2.15
C ASP A 234 5.84 -15.39 3.00
N TRP A 235 5.06 -15.36 4.07
CA TRP A 235 4.97 -14.18 4.92
C TRP A 235 6.12 -14.01 5.90
N ARG A 236 7.02 -14.99 5.99
CA ARG A 236 7.99 -14.97 7.06
C ARG A 236 8.91 -13.76 6.96
N LEU A 237 9.02 -13.01 8.04
CA LEU A 237 9.96 -11.88 8.11
C LEU A 237 11.10 -12.26 9.05
N PRO A 238 12.31 -11.75 8.78
CA PRO A 238 13.45 -12.04 9.66
C PRO A 238 13.27 -11.38 11.02
O4 TUL B . 1.11 3.43 5.65
O4 TUL B . -3.47 3.38 6.86
C4 TUL B . 0.23 3.44 6.49
C4 TUL B . -2.25 3.40 7.09
C5 TUL B . 0.62 3.47 7.76
C5 TUL B . -1.83 3.42 8.40
C6 TUL B . -0.33 3.49 8.76
C6 TUL B . -0.48 3.45 8.71
N1 TUL B . -1.60 3.47 8.47
N1 TUL B . 0.43 3.46 7.76
C2 TUL B . -2.05 3.44 7.16
C2 TUL B . 0.09 3.43 6.48
S2 TUL B . -3.81 3.42 6.89
S2 TUL B . 1.25 3.44 5.43
N3 TUL B . -1.12 3.42 6.14
N3 TUL B . -1.27 3.41 6.11
CL CL C . 12.17 19.71 -9.23
#